data_8EHU
#
_entry.id   8EHU
#
_cell.length_a   36.430
_cell.length_b   72.900
_cell.length_c   52.060
_cell.angle_alpha   90.000
_cell.angle_beta   92.270
_cell.angle_gamma   90.000
#
_symmetry.space_group_name_H-M   'P 1 21 1'
#
loop_
_entity.id
_entity.type
_entity.pdbx_description
1 polymer Beta-lactamase
2 water water
#
_entity_poly.entity_id   1
_entity_poly.type   'polypeptide(L)'
_entity_poly.pdbx_seq_one_letter_code
;ADPLSVAADKLAKLERDFGGSIGVYAIDTGSGATVANRPNERFPLCSSFKGFLAAGVLAQSQDKPGLLDKRIRYSKAALP
NWSPITTKHQASGMTVAELNAASVQYSDNGAANLLLKEINGPAALTTFMRSIGDASFRLDRLEPELNSAIPRDPRDTSTP
KAVAESAQKLALGKALPEPQRQQLADWLKGNTTGNARIRAAVPAGWEVGDKTGTCGVYGTANDFAVIWPPKRAPIVLAVY
TKHAKKEAKHSDEVIAAAARAALEAFNVKK
;
_entity_poly.pdbx_strand_id   A
#
# COMPACT_ATOMS: atom_id res chain seq x y z
N ALA A 1 1.33 26.98 18.35
CA ALA A 1 1.88 25.65 18.60
C ALA A 1 2.61 25.10 17.40
N ASP A 2 3.67 24.34 17.65
CA ASP A 2 4.36 23.61 16.58
C ASP A 2 3.39 22.65 15.89
N PRO A 3 3.20 22.74 14.59
CA PRO A 3 2.30 21.79 13.91
C PRO A 3 2.65 20.34 14.13
N LEU A 4 3.92 20.02 14.34
CA LEU A 4 4.27 18.64 14.59
C LEU A 4 3.80 18.18 15.96
N SER A 5 3.78 19.07 16.95
CA SER A 5 3.22 18.70 18.25
C SER A 5 1.72 18.54 18.17
N VAL A 6 1.04 19.41 17.43
CA VAL A 6 -0.39 19.25 17.23
C VAL A 6 -0.70 17.92 16.57
N ALA A 7 0.06 17.56 15.53
CA ALA A 7 -0.19 16.29 14.86
C ALA A 7 0.03 15.11 15.80
N ALA A 8 1.12 15.14 16.57
CA ALA A 8 1.38 14.07 17.53
C ALA A 8 0.23 13.94 18.52
N ASP A 9 -0.23 15.08 19.03
CA ASP A 9 -1.29 15.07 20.04
C ASP A 9 -2.59 14.50 19.45
N LYS A 10 -2.93 14.91 18.22
CA LYS A 10 -4.13 14.39 17.58
C LYS A 10 -4.01 12.90 17.33
N LEU A 11 -2.84 12.43 16.91
CA LEU A 11 -2.66 11.01 16.67
C LEU A 11 -2.75 10.21 17.96
N ALA A 12 -2.24 10.75 19.05
CA ALA A 12 -2.35 10.06 20.33
C ALA A 12 -3.80 9.92 20.77
N LYS A 13 -4.61 10.95 20.56
CA LYS A 13 -6.02 10.84 20.87
C LYS A 13 -6.69 9.77 20.00
N LEU A 14 -6.41 9.79 18.70
CA LEU A 14 -6.94 8.74 17.84
C LEU A 14 -6.59 7.36 18.35
N GLU A 15 -5.36 7.17 18.82
CA GLU A 15 -4.94 5.88 19.36
C GLU A 15 -5.71 5.52 20.62
N ARG A 16 -5.89 6.48 21.53
CA ARG A 16 -6.63 6.20 22.76
C ARG A 16 -8.04 5.75 22.44
N ASP A 17 -8.69 6.43 21.50
CA ASP A 17 -10.09 6.13 21.24
C ASP A 17 -10.23 4.83 20.46
N PHE A 18 -9.30 4.56 19.54
CA PHE A 18 -9.32 3.30 18.77
C PHE A 18 -8.91 2.11 19.63
N GLY A 19 -8.06 2.35 20.63
CA GLY A 19 -7.56 1.28 21.47
C GLY A 19 -6.37 0.54 20.91
N GLY A 20 -5.77 1.04 19.83
CA GLY A 20 -4.63 0.40 19.21
C GLY A 20 -3.64 1.44 18.72
N SER A 21 -2.70 1.01 17.90
CA SER A 21 -1.60 1.83 17.47
C SER A 21 -1.77 2.27 16.03
N ILE A 22 -1.30 3.48 15.76
CA ILE A 22 -1.41 4.09 14.44
C ILE A 22 -0.01 4.54 14.02
N GLY A 23 0.51 3.92 12.96
CA GLY A 23 1.80 4.27 12.41
C GLY A 23 1.61 5.17 11.21
N VAL A 24 2.36 6.28 11.21
CA VAL A 24 2.24 7.28 10.16
C VAL A 24 3.62 7.67 9.67
N TYR A 25 3.76 7.83 8.37
CA TYR A 25 4.93 8.53 7.88
C TYR A 25 4.50 9.31 6.65
N ALA A 26 4.79 10.61 6.63
CA ALA A 26 4.41 11.47 5.52
C ALA A 26 5.62 12.25 5.07
N ILE A 27 5.72 12.46 3.76
CA ILE A 27 6.84 13.17 3.14
C ILE A 27 6.26 14.23 2.23
N ASP A 28 6.59 15.49 2.48
CA ASP A 28 6.24 16.56 1.54
C ASP A 28 7.42 16.70 0.59
N THR A 29 7.26 16.24 -0.64
CA THR A 29 8.41 16.23 -1.53
C THR A 29 8.81 17.62 -2.03
N GLY A 30 8.05 18.65 -1.70
CA GLY A 30 8.46 19.99 -2.05
C GLY A 30 9.62 20.41 -1.18
N SER A 31 9.39 20.44 0.12
CA SER A 31 10.38 20.90 1.09
C SER A 31 11.20 19.77 1.71
N GLY A 32 10.81 18.52 1.54
CA GLY A 32 11.43 17.43 2.26
C GLY A 32 10.94 17.23 3.67
N ALA A 33 9.98 18.04 4.12
CA ALA A 33 9.46 17.92 5.47
C ALA A 33 8.77 16.57 5.66
N THR A 34 8.80 16.07 6.90
CA THR A 34 8.19 14.80 7.24
C THR A 34 7.32 14.93 8.47
N VAL A 35 6.40 13.98 8.61
CA VAL A 35 5.62 13.76 9.82
C VAL A 35 5.74 12.29 10.14
N ALA A 36 5.93 11.93 11.41
CA ALA A 36 6.18 10.54 11.78
C ALA A 36 5.44 10.21 13.06
N ASN A 37 4.82 9.04 13.10
CA ASN A 37 4.30 8.50 14.35
C ASN A 37 4.59 7.01 14.30
N ARG A 38 5.30 6.49 15.29
CA ARG A 38 5.74 5.10 15.29
C ARG A 38 6.41 4.73 13.97
N PRO A 39 7.35 5.56 13.48
CA PRO A 39 7.85 5.37 12.11
C PRO A 39 8.58 4.06 11.90
N ASN A 40 9.22 3.54 12.95
CA ASN A 40 10.04 2.35 12.83
C ASN A 40 9.40 1.13 13.47
N GLU A 41 8.15 1.22 13.86
CA GLU A 41 7.45 0.08 14.43
C GLU A 41 6.89 -0.78 13.29
N ARG A 42 6.89 -2.10 13.48
CA ARG A 42 6.39 -3.00 12.46
C ARG A 42 4.87 -3.03 12.47
N PHE A 43 4.28 -3.01 11.28
CA PHE A 43 2.86 -3.21 11.09
C PHE A 43 2.66 -4.22 9.98
N PRO A 44 1.61 -5.05 10.07
CA PRO A 44 1.30 -5.96 8.96
C PRO A 44 0.98 -5.17 7.71
N LEU A 45 1.50 -5.67 6.60
CA LEU A 45 1.22 -5.07 5.29
C LEU A 45 -0.22 -5.31 4.87
N CYS A 46 -0.75 -6.47 5.20
CA CYS A 46 -2.03 -6.90 4.64
C CYS A 46 -1.89 -6.78 3.11
N SER A 47 -2.99 -6.46 2.40
CA SER A 47 -2.91 -6.38 0.95
C SER A 47 -2.17 -5.16 0.44
N SER A 48 -1.69 -4.26 1.30
CA SER A 48 -0.96 -3.11 0.77
C SER A 48 0.30 -3.53 0.05
N PHE A 49 0.79 -4.75 0.31
CA PHE A 49 1.98 -5.21 -0.39
C PHE A 49 1.78 -5.23 -1.90
N LYS A 50 0.54 -5.30 -2.37
CA LYS A 50 0.26 -5.45 -3.79
C LYS A 50 0.77 -4.26 -4.60
N GLY A 51 0.83 -3.08 -4.00
CA GLY A 51 1.43 -1.95 -4.70
C GLY A 51 2.90 -2.19 -5.00
N PHE A 52 3.61 -2.75 -4.03
CA PHE A 52 5.02 -3.10 -4.24
C PHE A 52 5.19 -4.30 -5.15
N LEU A 53 4.27 -5.26 -5.09
CA LEU A 53 4.28 -6.36 -6.06
C LEU A 53 4.21 -5.84 -7.49
N ALA A 54 3.34 -4.86 -7.73
CA ALA A 54 3.25 -4.29 -9.07
C ALA A 54 4.60 -3.71 -9.49
N ALA A 55 5.26 -3.00 -8.57
CA ALA A 55 6.58 -2.45 -8.88
C ALA A 55 7.58 -3.56 -9.20
N GLY A 56 7.54 -4.65 -8.42
CA GLY A 56 8.45 -5.74 -8.69
C GLY A 56 8.23 -6.39 -10.04
N VAL A 57 6.97 -6.52 -10.45
CA VAL A 57 6.65 -7.04 -11.78
C VAL A 57 7.15 -6.08 -12.84
N LEU A 58 6.93 -4.77 -12.63
CA LEU A 58 7.42 -3.80 -13.61
C LEU A 58 8.93 -3.86 -13.74
N ALA A 59 9.62 -4.08 -12.63
CA ALA A 59 11.07 -4.20 -12.70
C ALA A 59 11.48 -5.40 -13.53
N GLN A 60 10.75 -6.50 -13.42
CA GLN A 60 11.06 -7.67 -14.22
C GLN A 60 10.79 -7.41 -15.69
N SER A 61 9.82 -6.54 -15.98
CA SER A 61 9.52 -6.20 -17.37
C SER A 61 10.64 -5.43 -18.04
N GLN A 62 11.57 -4.86 -17.26
CA GLN A 62 12.69 -4.14 -17.84
C GLN A 62 13.55 -5.06 -18.68
N ASP A 63 13.74 -6.30 -18.23
CA ASP A 63 14.56 -7.26 -18.95
C ASP A 63 13.78 -8.09 -19.95
N LYS A 64 12.46 -8.24 -19.78
CA LYS A 64 11.65 -8.99 -20.73
C LYS A 64 10.53 -8.14 -21.32
N PRO A 65 10.77 -7.53 -22.49
CA PRO A 65 9.69 -6.86 -23.20
C PRO A 65 8.57 -7.86 -23.47
N GLY A 66 7.34 -7.36 -23.40
CA GLY A 66 6.20 -8.22 -23.57
C GLY A 66 5.61 -8.77 -22.29
N LEU A 67 6.31 -8.64 -21.15
CA LEU A 67 5.81 -9.25 -19.91
C LEU A 67 4.39 -8.80 -19.60
N LEU A 68 4.13 -7.49 -19.68
CA LEU A 68 2.79 -7.01 -19.33
C LEU A 68 1.73 -7.58 -20.26
N ASP A 69 2.10 -7.94 -21.47
CA ASP A 69 1.15 -8.48 -22.44
C ASP A 69 1.02 -10.00 -22.35
N LYS A 70 1.86 -10.66 -21.56
CA LYS A 70 1.81 -12.11 -21.50
C LYS A 70 0.52 -12.56 -20.85
N ARG A 71 -0.18 -13.48 -21.51
CA ARG A 71 -1.46 -13.96 -20.99
C ARG A 71 -1.21 -15.15 -20.07
N ILE A 72 -1.75 -15.06 -18.85
CA ILE A 72 -1.66 -16.09 -17.84
C ILE A 72 -2.95 -16.90 -17.84
N ARG A 73 -2.82 -18.23 -17.91
CA ARG A 73 -3.96 -19.12 -17.76
C ARG A 73 -3.84 -19.83 -16.40
N TYR A 74 -4.95 -19.93 -15.69
CA TYR A 74 -4.87 -20.29 -14.28
C TYR A 74 -6.09 -21.11 -13.88
N SER A 75 -5.93 -21.82 -12.78
CA SER A 75 -7.02 -22.57 -12.20
C SER A 75 -8.09 -21.65 -11.62
N LYS A 76 -9.33 -21.94 -11.98
CA LYS A 76 -10.46 -21.32 -11.31
C LYS A 76 -10.69 -21.96 -9.94
N ALA A 77 -10.60 -23.28 -9.90
CA ALA A 77 -10.92 -24.01 -8.68
C ALA A 77 -10.02 -23.61 -7.53
N ALA A 78 -8.79 -23.20 -7.82
CA ALA A 78 -7.81 -22.91 -6.79
C ALA A 78 -7.76 -21.43 -6.39
N LEU A 79 -8.62 -20.58 -6.93
CA LEU A 79 -8.54 -19.16 -6.57
C LEU A 79 -8.82 -18.96 -5.08
N PRO A 80 -8.08 -18.08 -4.40
CA PRO A 80 -8.32 -17.81 -2.98
C PRO A 80 -9.56 -16.94 -2.78
N ASN A 81 -9.94 -16.78 -1.52
CA ASN A 81 -11.01 -15.83 -1.19
C ASN A 81 -10.72 -14.46 -1.78
N TRP A 82 -11.79 -13.74 -2.05
CA TRP A 82 -11.74 -12.40 -2.63
C TRP A 82 -10.89 -12.36 -3.92
N SER A 83 -11.40 -13.05 -4.94
CA SER A 83 -10.83 -13.06 -6.28
C SER A 83 -11.90 -12.67 -7.30
N PRO A 84 -12.55 -11.52 -7.11
CA PRO A 84 -13.70 -11.22 -7.97
C PRO A 84 -13.35 -11.06 -9.44
N ILE A 85 -12.22 -10.46 -9.74
CA ILE A 85 -11.87 -10.20 -11.13
C ILE A 85 -11.30 -11.45 -11.80
N THR A 86 -10.34 -12.09 -11.12
CA THR A 86 -9.78 -13.32 -11.68
C THR A 86 -10.84 -14.41 -11.83
N THR A 87 -11.83 -14.47 -10.95
CA THR A 87 -12.92 -15.42 -11.16
C THR A 87 -13.65 -15.11 -12.47
N LYS A 88 -14.00 -13.85 -12.68
CA LYS A 88 -14.82 -13.48 -13.82
C LYS A 88 -14.12 -13.79 -15.15
N HIS A 89 -12.79 -13.62 -15.21
CA HIS A 89 -12.07 -13.69 -16.47
C HIS A 89 -11.32 -15.00 -16.67
N GLN A 90 -11.55 -15.98 -15.81
CA GLN A 90 -10.72 -17.18 -15.85
C GLN A 90 -10.83 -17.91 -17.18
N ALA A 91 -12.00 -17.90 -17.81
CA ALA A 91 -12.16 -18.67 -19.04
C ALA A 91 -11.27 -18.13 -20.16
N SER A 92 -10.93 -16.84 -20.11
CA SER A 92 -10.08 -16.25 -21.14
C SER A 92 -8.63 -16.12 -20.69
N GLY A 93 -8.34 -16.30 -19.40
CA GLY A 93 -7.06 -15.89 -18.88
C GLY A 93 -6.98 -14.38 -18.75
N MET A 94 -5.87 -13.91 -18.21
CA MET A 94 -5.67 -12.48 -18.03
C MET A 94 -4.22 -12.16 -18.31
N THR A 95 -3.98 -11.00 -18.91
CA THR A 95 -2.59 -10.61 -19.10
C THR A 95 -1.99 -10.14 -17.77
N VAL A 96 -0.66 -10.10 -17.74
CA VAL A 96 0.04 -9.60 -16.56
C VAL A 96 -0.38 -8.17 -16.22
N ALA A 97 -0.62 -7.33 -17.23
CA ALA A 97 -1.13 -5.98 -16.97
C ALA A 97 -2.49 -6.04 -16.31
N GLU A 98 -3.40 -6.86 -16.87
CA GLU A 98 -4.74 -6.97 -16.34
C GLU A 98 -4.71 -7.50 -14.90
N LEU A 99 -3.81 -8.45 -14.63
CA LEU A 99 -3.67 -8.97 -13.27
C LEU A 99 -3.22 -7.89 -12.30
N ASN A 100 -2.28 -7.05 -12.72
CA ASN A 100 -1.87 -5.94 -11.85
C ASN A 100 -2.99 -4.93 -11.63
N ALA A 101 -3.76 -4.62 -12.67
CA ALA A 101 -4.89 -3.73 -12.45
C ALA A 101 -5.85 -4.32 -11.43
N ALA A 102 -6.13 -5.61 -11.53
CA ALA A 102 -7.06 -6.23 -10.58
C ALA A 102 -6.48 -6.29 -9.17
N SER A 103 -5.20 -6.68 -9.06
CA SER A 103 -4.53 -6.74 -7.77
C SER A 103 -4.48 -5.38 -7.09
N VAL A 104 -4.04 -4.36 -7.83
CA VAL A 104 -3.88 -3.04 -7.23
C VAL A 104 -5.22 -2.37 -6.99
N GLN A 105 -6.15 -2.45 -7.95
CA GLN A 105 -7.33 -1.58 -7.94
C GLN A 105 -8.56 -2.20 -7.31
N TYR A 106 -8.60 -3.53 -7.18
CA TYR A 106 -9.67 -4.25 -6.50
C TYR A 106 -9.15 -5.13 -5.38
N SER A 107 -7.85 -5.19 -5.19
CA SER A 107 -7.24 -6.05 -4.19
C SER A 107 -7.56 -7.52 -4.44
N ASP A 108 -7.61 -7.91 -5.71
CA ASP A 108 -7.91 -9.29 -6.08
C ASP A 108 -6.78 -10.21 -5.60
N ASN A 109 -7.13 -11.17 -4.76
CA ASN A 109 -6.13 -12.06 -4.16
C ASN A 109 -5.59 -13.07 -5.14
N GLY A 110 -6.46 -13.63 -5.98
CA GLY A 110 -6.00 -14.56 -6.99
C GLY A 110 -5.01 -13.91 -7.94
N ALA A 111 -5.26 -12.65 -8.32
CA ALA A 111 -4.34 -11.93 -9.19
C ALA A 111 -3.00 -11.73 -8.52
N ALA A 112 -3.01 -11.30 -7.26
CA ALA A 112 -1.74 -11.10 -6.56
C ALA A 112 -0.96 -12.41 -6.47
N ASN A 113 -1.62 -13.52 -6.14
CA ASN A 113 -0.89 -14.78 -6.06
C ASN A 113 -0.31 -15.20 -7.40
N LEU A 114 -1.03 -14.95 -8.50
CA LEU A 114 -0.49 -15.30 -9.81
C LEU A 114 0.71 -14.43 -10.15
N LEU A 115 0.67 -13.16 -9.76
CA LEU A 115 1.81 -12.29 -10.00
C LEU A 115 3.00 -12.66 -9.13
N LEU A 116 2.74 -13.08 -7.88
CA LEU A 116 3.82 -13.62 -7.06
C LEU A 116 4.47 -14.82 -7.72
N LYS A 117 3.67 -15.70 -8.32
CA LYS A 117 4.23 -16.85 -9.00
C LYS A 117 5.09 -16.37 -10.18
N GLU A 118 4.63 -15.35 -10.91
CA GLU A 118 5.37 -14.84 -12.06
C GLU A 118 6.74 -14.32 -11.66
N ILE A 119 6.87 -13.68 -10.49
CA ILE A 119 8.16 -13.12 -10.08
C ILE A 119 8.93 -14.04 -9.14
N ASN A 120 8.43 -15.24 -8.90
CA ASN A 120 9.14 -16.28 -8.17
C ASN A 120 8.94 -16.21 -6.67
N GLY A 121 7.86 -15.58 -6.20
CA GLY A 121 7.42 -15.78 -4.84
C GLY A 121 7.67 -14.63 -3.88
N PRO A 122 7.12 -14.76 -2.67
CA PRO A 122 7.32 -13.73 -1.63
C PRO A 122 8.78 -13.40 -1.38
N ALA A 123 9.66 -14.41 -1.33
CA ALA A 123 11.07 -14.12 -1.10
C ALA A 123 11.65 -13.29 -2.24
N ALA A 124 11.22 -13.53 -3.46
CA ALA A 124 11.71 -12.73 -4.59
C ALA A 124 11.21 -11.30 -4.52
N LEU A 125 9.96 -11.09 -4.12
CA LEU A 125 9.51 -9.72 -3.94
C LEU A 125 10.31 -9.02 -2.85
N THR A 126 10.57 -9.73 -1.75
CA THR A 126 11.41 -9.19 -0.69
C THR A 126 12.79 -8.81 -1.20
N THR A 127 13.40 -9.68 -2.02
CA THR A 127 14.70 -9.36 -2.61
C THR A 127 14.64 -8.10 -3.45
N PHE A 128 13.57 -7.94 -4.23
CA PHE A 128 13.41 -6.72 -5.01
C PHE A 128 13.36 -5.49 -4.10
N MET A 129 12.57 -5.54 -3.01
CA MET A 129 12.51 -4.40 -2.13
C MET A 129 13.86 -4.12 -1.49
N ARG A 130 14.58 -5.18 -1.08
CA ARG A 130 15.93 -4.99 -0.57
C ARG A 130 16.82 -4.31 -1.59
N SER A 131 16.63 -4.64 -2.86
CA SER A 131 17.51 -4.12 -3.91
C SER A 131 17.37 -2.62 -4.12
N ILE A 132 16.23 -2.03 -3.75
CA ILE A 132 16.06 -0.58 -3.84
C ILE A 132 16.42 0.11 -2.55
N GLY A 133 16.89 -0.62 -1.55
CA GLY A 133 17.30 -0.02 -0.32
C GLY A 133 16.31 -0.14 0.81
N ASP A 134 15.22 -0.88 0.63
CA ASP A 134 14.22 -1.06 1.69
C ASP A 134 14.62 -2.27 2.51
N ALA A 135 15.14 -2.00 3.71
CA ALA A 135 15.61 -3.04 4.62
C ALA A 135 14.51 -3.58 5.50
N SER A 136 13.32 -2.97 5.49
CA SER A 136 12.26 -3.35 6.41
C SER A 136 11.23 -4.29 5.81
N PHE A 137 10.84 -4.07 4.57
CA PHE A 137 9.77 -4.86 3.96
C PHE A 137 10.10 -6.36 4.03
N ARG A 138 9.12 -7.18 4.43
CA ARG A 138 9.26 -8.61 4.21
C ARG A 138 7.90 -9.19 3.88
N LEU A 139 7.86 -9.98 2.82
CA LEU A 139 6.68 -10.78 2.51
C LEU A 139 7.10 -12.23 2.63
N ASP A 140 6.33 -12.97 3.39
CA ASP A 140 6.59 -14.35 3.75
C ASP A 140 5.57 -15.32 3.21
N ARG A 141 4.33 -14.90 3.03
CA ARG A 141 3.23 -15.80 2.72
C ARG A 141 2.41 -15.25 1.55
N LEU A 142 1.50 -16.09 1.05
CA LEU A 142 0.57 -15.74 -0.01
C LEU A 142 -0.75 -15.18 0.56
N GLU A 143 -1.58 -14.64 -0.34
CA GLU A 143 -2.93 -14.25 0.07
C GLU A 143 -3.81 -15.49 0.20
N PRO A 144 -4.69 -15.58 1.21
CA PRO A 144 -4.91 -14.63 2.30
C PRO A 144 -4.15 -14.96 3.60
N GLU A 145 -3.26 -15.96 3.61
CA GLU A 145 -2.61 -16.34 4.86
C GLU A 145 -1.77 -15.19 5.43
N LEU A 146 -1.28 -14.29 4.57
CA LEU A 146 -0.45 -13.18 5.02
C LEU A 146 -1.23 -12.19 5.87
N ASN A 147 -2.53 -12.35 6.02
CA ASN A 147 -3.36 -11.41 6.78
C ASN A 147 -3.52 -11.77 8.25
N SER A 148 -2.81 -12.77 8.77
CA SER A 148 -3.09 -13.20 10.14
C SER A 148 -2.84 -12.10 11.17
N ALA A 149 -1.87 -11.21 10.93
CA ALA A 149 -1.70 -9.98 11.72
C ALA A 149 -1.55 -10.26 13.22
N ILE A 150 -0.86 -11.34 13.56
CA ILE A 150 -0.71 -11.70 14.97
C ILE A 150 0.18 -10.68 15.66
N PRO A 151 -0.20 -10.15 16.81
CA PRO A 151 0.65 -9.15 17.47
C PRO A 151 2.08 -9.65 17.66
N ARG A 152 3.02 -8.77 17.34
CA ARG A 152 4.46 -8.96 17.45
C ARG A 152 5.03 -9.85 16.36
N ASP A 153 4.21 -10.49 15.54
CA ASP A 153 4.73 -11.46 14.57
C ASP A 153 5.41 -10.67 13.44
N PRO A 154 6.64 -11.01 13.07
CA PRO A 154 7.36 -10.22 12.07
C PRO A 154 6.94 -10.53 10.64
N ARG A 155 6.25 -11.63 10.40
CA ARG A 155 5.98 -12.01 9.02
C ARG A 155 5.07 -11.02 8.33
N ASP A 156 5.35 -10.75 7.04
CA ASP A 156 4.43 -9.97 6.22
C ASP A 156 4.21 -8.58 6.80
N THR A 157 5.32 -7.94 7.21
CA THR A 157 5.26 -6.61 7.81
C THR A 157 6.24 -5.66 7.11
N SER A 158 6.01 -4.38 7.34
CA SER A 158 7.04 -3.37 7.11
C SER A 158 6.88 -2.30 8.18
N THR A 159 7.45 -1.11 7.97
CA THR A 159 7.27 0.02 8.87
C THR A 159 6.67 1.16 8.10
N PRO A 160 6.00 2.09 8.78
CA PRO A 160 5.43 3.22 8.02
C PRO A 160 6.48 3.99 7.25
N LYS A 161 7.64 4.23 7.87
CA LYS A 161 8.70 4.96 7.19
C LYS A 161 9.17 4.23 5.94
N ALA A 162 9.39 2.91 6.02
CA ALA A 162 9.87 2.19 4.86
C ALA A 162 8.81 2.17 3.74
N VAL A 163 7.54 2.01 4.11
CA VAL A 163 6.48 2.03 3.09
C VAL A 163 6.48 3.37 2.37
N ALA A 164 6.51 4.47 3.11
CA ALA A 164 6.50 5.79 2.49
C ALA A 164 7.75 6.02 1.65
N GLU A 165 8.92 5.68 2.19
CA GLU A 165 10.16 5.92 1.46
C GLU A 165 10.22 5.10 0.18
N SER A 166 9.74 3.84 0.24
CA SER A 166 9.75 3.02 -0.95
C SER A 166 8.71 3.48 -1.96
N ALA A 167 7.54 3.91 -1.49
CA ALA A 167 6.55 4.46 -2.40
C ALA A 167 7.10 5.68 -3.13
N GLN A 168 7.83 6.54 -2.42
CA GLN A 168 8.46 7.68 -3.07
C GLN A 168 9.44 7.22 -4.14
N LYS A 169 10.36 6.31 -3.79
CA LYS A 169 11.36 5.86 -4.76
C LYS A 169 10.72 5.29 -6.02
N LEU A 170 9.66 4.50 -5.85
CA LEU A 170 9.09 3.73 -6.95
C LEU A 170 8.09 4.52 -7.78
N ALA A 171 7.21 5.31 -7.15
CA ALA A 171 6.14 5.98 -7.88
C ALA A 171 6.49 7.41 -8.25
N LEU A 172 7.48 8.01 -7.59
CA LEU A 172 7.93 9.37 -7.88
C LEU A 172 9.34 9.44 -8.40
N GLY A 173 10.24 8.64 -7.83
CA GLY A 173 11.67 8.73 -8.08
C GLY A 173 12.10 7.86 -9.23
N LYS A 174 13.36 7.40 -9.13
CA LYS A 174 14.05 6.78 -10.24
C LYS A 174 14.27 5.29 -10.07
N ALA A 175 13.60 4.64 -9.13
CA ALA A 175 13.86 3.21 -8.93
C ALA A 175 13.39 2.39 -10.11
N LEU A 176 12.37 2.86 -10.84
CA LEU A 176 11.95 2.25 -12.08
C LEU A 176 12.24 3.21 -13.22
N PRO A 177 12.48 2.72 -14.43
CA PRO A 177 12.56 3.64 -15.58
C PRO A 177 11.24 4.36 -15.74
N GLU A 178 11.31 5.53 -16.37
CA GLU A 178 10.14 6.41 -16.46
C GLU A 178 8.89 5.72 -16.99
N PRO A 179 8.93 4.93 -18.07
CA PRO A 179 7.68 4.29 -18.53
C PRO A 179 7.07 3.38 -17.48
N GLN A 180 7.91 2.68 -16.73
CA GLN A 180 7.41 1.79 -15.70
C GLN A 180 6.91 2.57 -14.47
N ARG A 181 7.63 3.63 -14.09
CA ARG A 181 7.13 4.50 -13.03
C ARG A 181 5.75 5.03 -13.37
N GLN A 182 5.57 5.50 -14.61
CA GLN A 182 4.28 6.02 -15.03
C GLN A 182 3.21 4.97 -14.94
N GLN A 183 3.53 3.73 -15.33
CA GLN A 183 2.55 2.64 -15.24
C GLN A 183 2.16 2.34 -13.81
N LEU A 184 3.14 2.33 -12.91
CA LEU A 184 2.85 2.09 -11.50
C LEU A 184 1.94 3.18 -10.94
N ALA A 185 2.30 4.43 -11.25
CA ALA A 185 1.48 5.57 -10.82
C ALA A 185 0.06 5.46 -11.36
N ASP A 186 -0.09 5.11 -12.63
CA ASP A 186 -1.42 4.99 -13.21
C ASP A 186 -2.21 3.89 -12.52
N TRP A 187 -1.59 2.76 -12.22
CA TRP A 187 -2.32 1.70 -11.54
C TRP A 187 -2.79 2.18 -10.17
N LEU A 188 -1.90 2.80 -9.41
CA LEU A 188 -2.29 3.30 -8.08
C LEU A 188 -3.38 4.35 -8.17
N LYS A 189 -3.25 5.28 -9.14
CA LYS A 189 -4.22 6.38 -9.30
C LYS A 189 -5.63 5.88 -9.59
N GLY A 190 -5.74 4.70 -10.21
CA GLY A 190 -7.04 4.11 -10.52
C GLY A 190 -7.57 3.19 -9.45
N ASN A 191 -6.98 3.13 -8.28
CA ASN A 191 -7.52 2.29 -7.22
C ASN A 191 -8.98 2.63 -6.95
N THR A 192 -9.79 1.60 -6.69
CA THR A 192 -11.20 1.79 -6.36
C THR A 192 -11.53 1.55 -4.90
N THR A 193 -10.59 1.06 -4.08
CA THR A 193 -10.88 0.61 -2.73
C THR A 193 -10.51 1.62 -1.64
N GLY A 194 -9.96 2.76 -1.99
CA GLY A 194 -9.39 3.68 -1.03
C GLY A 194 -10.21 4.90 -0.68
N ASN A 195 -11.45 4.98 -1.12
CA ASN A 195 -12.16 6.27 -1.01
C ASN A 195 -12.50 6.66 0.42
N ALA A 196 -12.49 5.73 1.37
CA ALA A 196 -12.79 6.05 2.76
C ALA A 196 -11.55 6.19 3.62
N ARG A 197 -10.35 6.11 3.03
CA ARG A 197 -9.10 6.12 3.77
C ARG A 197 -8.33 7.40 3.46
N ILE A 198 -7.09 7.34 2.98
CA ILE A 198 -6.33 8.58 2.78
C ILE A 198 -7.08 9.55 1.87
N ARG A 199 -7.70 9.05 0.79
CA ARG A 199 -8.43 9.92 -0.12
C ARG A 199 -9.48 10.76 0.58
N ALA A 200 -10.09 10.23 1.65
CA ALA A 200 -11.12 10.99 2.37
C ALA A 200 -10.56 12.21 3.07
N ALA A 201 -9.25 12.33 3.17
CA ALA A 201 -8.58 13.46 3.80
C ALA A 201 -7.98 14.41 2.77
N VAL A 202 -8.07 14.10 1.49
CA VAL A 202 -7.40 14.88 0.45
C VAL A 202 -8.41 15.78 -0.23
N PRO A 203 -8.06 17.05 -0.49
CA PRO A 203 -8.95 17.93 -1.25
C PRO A 203 -9.53 17.27 -2.49
N ALA A 204 -10.81 17.52 -2.70
CA ALA A 204 -11.53 16.95 -3.82
C ALA A 204 -10.82 17.24 -5.13
N GLY A 205 -10.80 16.24 -5.99
CA GLY A 205 -10.31 16.42 -7.35
C GLY A 205 -8.82 16.26 -7.53
N TRP A 206 -8.05 16.14 -6.43
CA TRP A 206 -6.64 15.88 -6.58
C TRP A 206 -6.42 14.41 -6.89
N GLU A 207 -5.45 14.12 -7.74
CA GLU A 207 -5.13 12.73 -8.01
C GLU A 207 -4.43 12.12 -6.80
N VAL A 208 -4.80 10.87 -6.51
CA VAL A 208 -4.24 10.14 -5.39
C VAL A 208 -4.04 8.70 -5.83
N GLY A 209 -2.79 8.23 -5.83
CA GLY A 209 -2.53 6.83 -6.08
C GLY A 209 -2.37 6.13 -4.75
N ASP A 210 -3.16 5.10 -4.47
CA ASP A 210 -3.07 4.49 -3.15
C ASP A 210 -3.30 3.01 -3.26
N LYS A 211 -2.83 2.27 -2.24
CA LYS A 211 -3.16 0.87 -2.09
C LYS A 211 -3.55 0.63 -0.65
N THR A 212 -4.72 0.05 -0.44
CA THR A 212 -5.22 -0.29 0.88
C THR A 212 -4.86 -1.73 1.27
N GLY A 213 -4.96 -2.03 2.57
CA GLY A 213 -4.89 -3.38 3.07
C GLY A 213 -5.86 -3.53 4.22
N THR A 214 -6.53 -4.67 4.30
CA THR A 214 -7.51 -4.91 5.37
C THR A 214 -7.32 -6.35 5.82
N CYS A 215 -6.58 -6.57 6.91
CA CYS A 215 -6.27 -7.92 7.31
C CYS A 215 -7.51 -8.69 7.78
N GLY A 216 -8.49 -8.03 8.38
CA GLY A 216 -9.71 -8.67 8.83
C GLY A 216 -9.68 -9.18 10.26
N VAL A 217 -8.57 -8.96 10.97
CA VAL A 217 -8.39 -9.35 12.36
C VAL A 217 -7.50 -8.31 13.02
N TYR A 218 -7.51 -8.32 14.36
CA TYR A 218 -6.56 -7.51 15.14
C TYR A 218 -6.61 -6.03 14.77
N GLY A 219 -7.79 -5.52 14.44
CA GLY A 219 -7.92 -4.12 14.08
C GLY A 219 -6.90 -3.63 13.07
N THR A 220 -6.47 -4.49 12.15
CA THR A 220 -5.27 -4.22 11.35
C THR A 220 -5.68 -3.88 9.93
N ALA A 221 -5.43 -2.64 9.52
CA ALA A 221 -5.75 -2.16 8.18
C ALA A 221 -4.86 -0.96 7.90
N ASN A 222 -4.82 -0.56 6.64
CA ASN A 222 -3.82 0.43 6.27
C ASN A 222 -4.14 1.00 4.91
N ASP A 223 -3.35 2.01 4.54
CA ASP A 223 -3.38 2.61 3.22
C ASP A 223 -2.05 3.33 3.06
N PHE A 224 -1.49 3.33 1.85
CA PHE A 224 -0.39 4.22 1.54
C PHE A 224 -0.71 4.89 0.23
N ALA A 225 -0.26 6.15 0.10
CA ALA A 225 -0.69 6.96 -1.02
C ALA A 225 0.42 7.88 -1.48
N VAL A 226 0.38 8.18 -2.76
CA VAL A 226 1.07 9.32 -3.35
C VAL A 226 0.00 10.29 -3.81
N ILE A 227 0.10 11.53 -3.35
CA ILE A 227 -0.88 12.56 -3.63
C ILE A 227 -0.26 13.55 -4.58
N TRP A 228 -0.92 13.85 -5.70
CA TRP A 228 -0.41 14.78 -6.70
C TRP A 228 -1.32 16.01 -6.73
N PRO A 229 -1.01 17.05 -5.97
CA PRO A 229 -1.82 18.27 -6.01
C PRO A 229 -1.63 18.97 -7.35
N PRO A 230 -2.60 19.78 -7.78
CA PRO A 230 -2.37 20.60 -8.99
C PRO A 230 -1.45 21.79 -8.77
N LYS A 231 -1.27 22.29 -7.54
CA LYS A 231 -0.59 23.57 -7.27
C LYS A 231 0.62 23.44 -6.36
N ARG A 232 0.96 22.23 -5.91
CA ARG A 232 2.14 22.02 -5.08
C ARG A 232 2.74 20.64 -5.35
N ALA A 233 3.93 20.42 -4.82
CA ALA A 233 4.68 19.17 -5.05
C ALA A 233 3.97 17.97 -4.42
N PRO A 234 4.19 16.78 -4.96
CA PRO A 234 3.56 15.58 -4.41
C PRO A 234 3.88 15.36 -2.94
N ILE A 235 2.95 14.65 -2.29
CA ILE A 235 3.06 14.25 -0.89
C ILE A 235 2.89 12.74 -0.82
N VAL A 236 3.72 12.06 -0.04
CA VAL A 236 3.61 10.63 0.17
C VAL A 236 3.14 10.40 1.60
N LEU A 237 2.23 9.43 1.81
CA LEU A 237 1.67 9.24 3.14
C LEU A 237 1.38 7.75 3.34
N ALA A 238 1.85 7.20 4.46
CA ALA A 238 1.55 5.84 4.87
C ALA A 238 0.84 5.90 6.20
N VAL A 239 -0.29 5.19 6.33
CA VAL A 239 -1.08 5.12 7.57
C VAL A 239 -1.42 3.66 7.82
N TYR A 240 -0.92 3.11 8.92
CA TYR A 240 -1.06 1.70 9.27
C TYR A 240 -1.64 1.58 10.66
N THR A 241 -2.57 0.65 10.87
CA THR A 241 -3.15 0.45 12.19
C THR A 241 -3.00 -1.00 12.61
N LYS A 242 -3.01 -1.21 13.94
CA LYS A 242 -3.06 -2.54 14.52
C LYS A 242 -3.64 -2.41 15.92
N HIS A 243 -4.09 -3.56 16.46
CA HIS A 243 -4.80 -3.57 17.73
C HIS A 243 -4.49 -4.90 18.38
N ALA A 244 -4.46 -4.92 19.71
CA ALA A 244 -4.07 -6.15 20.40
C ALA A 244 -5.17 -7.20 20.43
N LYS A 245 -6.41 -6.83 20.18
CA LYS A 245 -7.55 -7.75 20.31
C LYS A 245 -7.93 -8.35 18.95
N LYS A 246 -7.97 -9.68 18.88
CA LYS A 246 -8.18 -10.35 17.61
C LYS A 246 -9.49 -9.95 16.97
N GLU A 247 -10.55 -9.80 17.78
CA GLU A 247 -11.89 -9.53 17.25
C GLU A 247 -12.13 -8.08 16.89
N ALA A 248 -11.18 -7.18 17.12
CA ALA A 248 -11.37 -5.79 16.78
C ALA A 248 -11.46 -5.61 15.28
N LYS A 249 -12.53 -4.95 14.83
CA LYS A 249 -12.65 -4.53 13.44
C LYS A 249 -11.66 -3.41 13.15
N HIS A 250 -11.28 -3.30 11.89
CA HIS A 250 -10.56 -2.12 11.43
C HIS A 250 -11.47 -0.90 11.49
N SER A 251 -10.86 0.28 11.32
CA SER A 251 -11.61 1.52 11.23
C SER A 251 -11.10 2.37 10.08
N ASP A 252 -11.92 2.51 9.04
CA ASP A 252 -11.59 3.47 7.99
C ASP A 252 -11.52 4.88 8.52
N GLU A 253 -12.42 5.22 9.44
CA GLU A 253 -12.46 6.57 9.99
C GLU A 253 -11.17 6.93 10.70
N VAL A 254 -10.60 6.00 11.47
CA VAL A 254 -9.33 6.24 12.13
C VAL A 254 -8.23 6.51 11.12
N ILE A 255 -8.18 5.73 10.04
CA ILE A 255 -7.17 5.93 9.00
C ILE A 255 -7.33 7.31 8.35
N ALA A 256 -8.56 7.66 7.98
CA ALA A 256 -8.80 8.96 7.36
C ALA A 256 -8.45 10.10 8.31
N ALA A 257 -8.79 9.95 9.60
CA ALA A 257 -8.51 11.01 10.57
C ALA A 257 -7.01 11.15 10.82
N ALA A 258 -6.28 10.03 10.83
CA ALA A 258 -4.84 10.10 10.97
C ALA A 258 -4.21 10.77 9.75
N ALA A 259 -4.72 10.45 8.56
CA ALA A 259 -4.29 11.13 7.35
C ALA A 259 -4.56 12.63 7.43
N ARG A 260 -5.73 13.02 7.92
CA ARG A 260 -6.03 14.44 8.05
C ARG A 260 -5.04 15.12 8.98
N ALA A 261 -4.72 14.48 10.09
CA ALA A 261 -3.79 15.08 11.05
C ALA A 261 -2.41 15.27 10.45
N ALA A 262 -1.92 14.26 9.70
CA ALA A 262 -0.61 14.40 9.07
C ALA A 262 -0.63 15.49 8.00
N LEU A 263 -1.66 15.50 7.16
CA LEU A 263 -1.72 16.47 6.08
C LEU A 263 -1.86 17.90 6.61
N GLU A 264 -2.53 18.07 7.74
CA GLU A 264 -2.64 19.39 8.34
C GLU A 264 -1.28 19.94 8.72
N ALA A 265 -0.35 19.07 9.13
CA ALA A 265 1.00 19.54 9.45
C ALA A 265 1.74 20.06 8.22
N PHE A 266 1.29 19.69 7.01
CA PHE A 266 1.80 20.22 5.76
C PHE A 266 0.92 21.33 5.21
N ASN A 267 -0.04 21.82 5.99
CA ASN A 267 -0.94 22.89 5.55
C ASN A 267 -1.74 22.47 4.31
N VAL A 268 -2.19 21.20 4.31
CA VAL A 268 -3.20 20.65 3.38
C VAL A 268 -4.45 20.28 4.19
N LYS A 269 -5.60 20.83 3.77
CA LYS A 269 -6.90 20.55 4.39
C LYS A 269 -7.95 20.38 3.30
N LYS A 270 -8.71 19.29 3.35
CA LYS A 270 -9.63 18.90 2.27
C LYS A 270 -10.77 19.89 1.96
#